data_4WAV
#
_entry.id   4WAV
#
_cell.length_a   29.860
_cell.length_b   131.942
_cell.length_c   235.423
_cell.angle_alpha   90.000
_cell.angle_beta   90.000
_cell.angle_gamma   90.000
#
_symmetry.space_group_name_H-M   'C 2 2 21'
#
loop_
_entity.id
_entity.type
_entity.pdbx_description
1 polymer Bacteriorhodopsin-I
2 non-polymer RETINAL
3 non-polymer '[(Z)-octadec-9-enyl] (2R)-2,3-bis(oxidanyl)propanoate'
4 water water
#
_entity_poly.entity_id   1
_entity_poly.type   'polypeptide(L)'
_entity_poly.pdbx_seq_one_letter_code
;MSQLALQMSSLGVEGEGIWLALGTIGMLLGMLYFIADGLDVQDPRQKEFYVITILIPAIAAASYLSMFFGFGLTEVSLAN
GRVVDVYWARYANWLFTTPLLLLDIGLLAGASQRDIGALVGIDAFMIVTGLVATLTKVVVARYAFWTISTISMVFLLYYL
VAVFGEAVSDADEDTRSTFNALRNIILVTWAIYPVAWLVGTEGLALTGLYGETLLFMVLDLVAKVGFGFILLRSRAIMGG
GSEPTPSAQETAADLEHHHHHH
;
_entity_poly.pdbx_strand_id   A,B
#
loop_
_chem_comp.id
_chem_comp.type
_chem_comp.name
_chem_comp.formula
MPG non-polymer '[(Z)-octadec-9-enyl] (2R)-2,3-bis(oxidanyl)propanoate' 'C21 H40 O4'
RET non-polymer RETINAL 'C20 H28 O'
#
# COMPACT_ATOMS: atom_id res chain seq x y z
N GLY A 12 -2.48 -11.55 -26.70
CA GLY A 12 -2.43 -12.24 -25.39
C GLY A 12 -1.27 -13.22 -25.32
N VAL A 13 -1.51 -14.26 -24.47
CA VAL A 13 -0.63 -15.45 -24.15
C VAL A 13 -0.26 -15.48 -22.64
N GLU A 14 -1.14 -16.12 -21.86
CA GLU A 14 -1.14 -16.02 -20.37
C GLU A 14 0.11 -16.62 -19.69
N GLY A 15 0.07 -16.79 -18.37
CA GLY A 15 1.24 -17.23 -17.61
C GLY A 15 2.09 -16.06 -17.12
N GLU A 16 1.72 -14.84 -17.51
CA GLU A 16 2.45 -13.60 -17.18
C GLU A 16 2.33 -13.23 -15.72
N GLY A 17 1.28 -13.75 -15.07
CA GLY A 17 1.04 -13.56 -13.65
C GLY A 17 2.17 -14.03 -12.74
N ILE A 18 3.08 -14.84 -13.24
CA ILE A 18 4.26 -15.17 -12.43
C ILE A 18 5.17 -13.95 -12.30
N TRP A 19 5.25 -13.14 -13.34
CA TRP A 19 6.03 -11.90 -13.27
C TRP A 19 5.39 -10.83 -12.40
N LEU A 20 4.05 -10.86 -12.37
CA LEU A 20 3.23 -10.00 -11.51
C LEU A 20 3.37 -10.34 -10.04
N ALA A 21 3.71 -11.59 -9.76
CA ALA A 21 3.81 -12.07 -8.38
C ALA A 21 5.18 -11.79 -7.88
N LEU A 22 6.20 -12.10 -8.68
CA LEU A 22 7.58 -11.84 -8.31
C LEU A 22 7.85 -10.35 -8.28
N GLY A 23 7.27 -9.62 -9.24
CA GLY A 23 7.33 -8.16 -9.26
C GLY A 23 6.77 -7.57 -7.98
N THR A 24 5.53 -7.94 -7.68
CA THR A 24 4.92 -7.58 -6.40
C THR A 24 5.86 -7.74 -5.19
N ILE A 25 6.41 -8.95 -5.02
CA ILE A 25 7.18 -9.22 -3.80
C ILE A 25 8.56 -8.52 -3.74
N GLY A 26 9.21 -8.38 -4.90
CA GLY A 26 10.41 -7.55 -5.01
C GLY A 26 10.17 -6.13 -4.51
N MET A 27 9.08 -5.53 -4.95
CA MET A 27 8.66 -4.21 -4.41
C MET A 27 8.49 -4.25 -2.90
N LEU A 28 7.75 -5.26 -2.42
CA LEU A 28 7.53 -5.47 -0.99
C LEU A 28 8.82 -5.61 -0.23
N LEU A 29 9.76 -6.37 -0.78
CA LEU A 29 11.07 -6.58 -0.15
C LEU A 29 11.94 -5.33 -0.17
N GLY A 30 11.89 -4.60 -1.26
CA GLY A 30 12.69 -3.40 -1.41
C GLY A 30 12.15 -2.41 -0.42
N MET A 31 10.84 -2.29 -0.40
CA MET A 31 10.16 -1.39 0.52
C MET A 31 10.41 -1.75 2.01
N LEU A 32 10.27 -3.03 2.31
CA LEU A 32 10.60 -3.56 3.62
C LEU A 32 12.05 -3.26 4.02
N TYR A 33 12.99 -3.35 3.08
CA TYR A 33 14.40 -3.10 3.40
C TYR A 33 14.62 -1.64 3.75
N PHE A 34 14.11 -0.75 2.91
CA PHE A 34 14.28 0.70 3.11
C PHE A 34 13.73 1.15 4.47
N ILE A 35 12.65 0.53 4.94
CA ILE A 35 12.15 0.80 6.27
C ILE A 35 13.14 0.32 7.31
N ALA A 36 13.57 -0.93 7.21
CA ALA A 36 14.53 -1.51 8.16
C ALA A 36 15.80 -0.69 8.23
N ASP A 37 16.12 -0.01 7.13
CA ASP A 37 17.38 0.73 7.00
C ASP A 37 17.22 2.15 7.46
N GLY A 38 16.03 2.71 7.26
CA GLY A 38 15.72 4.07 7.67
C GLY A 38 15.31 4.16 9.11
N LEU A 39 15.74 3.20 9.90
CA LEU A 39 15.29 3.14 11.30
C LEU A 39 16.16 4.02 12.20
N ASP A 40 17.45 4.11 11.84
CA ASP A 40 18.41 4.91 12.57
C ASP A 40 18.48 6.36 12.08
N VAL A 41 17.64 6.74 11.12
CA VAL A 41 17.74 8.03 10.44
C VAL A 41 17.62 9.23 11.39
N GLN A 42 18.20 10.38 11.03
CA GLN A 42 18.32 11.53 11.96
C GLN A 42 17.92 12.91 11.42
N ASP A 43 18.58 13.39 10.37
CA ASP A 43 18.28 14.73 9.85
C ASP A 43 16.96 14.69 9.09
N PRO A 44 16.11 15.71 9.28
CA PRO A 44 14.81 15.88 8.60
C PRO A 44 14.84 15.72 7.08
N ARG A 45 15.78 16.35 6.41
CA ARG A 45 15.85 16.28 4.96
C ARG A 45 16.06 14.82 4.53
N GLN A 46 16.94 14.12 5.24
CA GLN A 46 17.15 12.70 4.96
C GLN A 46 15.86 11.91 5.13
N LYS A 47 15.02 12.35 6.06
CA LYS A 47 13.78 11.67 6.35
C LYS A 47 12.82 11.89 5.19
N GLU A 48 12.85 13.09 4.61
CA GLU A 48 12.01 13.44 3.46
C GLU A 48 12.35 12.53 2.28
N PHE A 49 13.64 12.29 2.10
CA PHE A 49 14.09 11.28 1.14
C PHE A 49 13.51 9.87 1.39
N TYR A 50 13.67 9.35 2.60
CA TYR A 50 13.04 8.08 2.98
C TYR A 50 11.52 8.01 2.74
N VAL A 51 10.75 9.06 3.04
CA VAL A 51 9.32 8.96 2.77
C VAL A 51 9.09 8.81 1.28
N ILE A 52 9.74 9.65 0.50
CA ILE A 52 9.56 9.66 -0.96
C ILE A 52 10.01 8.36 -1.59
N THR A 53 11.21 7.91 -1.20
CA THR A 53 11.73 6.65 -1.72
C THR A 53 10.86 5.44 -1.32
N ILE A 54 10.40 5.38 -0.09
CA ILE A 54 9.63 4.22 0.36
C ILE A 54 8.22 4.27 -0.23
N LEU A 55 7.76 5.48 -0.51
CA LEU A 55 6.46 5.66 -1.13
C LEU A 55 6.40 5.00 -2.53
N ILE A 56 7.55 4.97 -3.23
CA ILE A 56 7.58 4.53 -4.63
C ILE A 56 7.28 3.02 -4.84
N PRO A 57 8.09 2.11 -4.24
CA PRO A 57 7.70 0.69 -4.41
C PRO A 57 6.39 0.30 -3.67
N ALA A 58 6.02 1.06 -2.65
CA ALA A 58 4.71 0.91 -2.00
C ALA A 58 3.58 0.95 -3.00
N ILE A 59 3.49 2.08 -3.68
CA ILE A 59 2.48 2.29 -4.69
C ILE A 59 2.63 1.19 -5.77
N ALA A 60 3.83 1.08 -6.36
CA ALA A 60 4.15 -0.02 -7.29
C ALA A 60 3.68 -1.41 -6.81
N ALA A 61 3.91 -1.76 -5.54
CA ALA A 61 3.48 -3.04 -5.00
C ALA A 61 1.95 -3.22 -4.98
N ALA A 62 1.25 -2.19 -4.48
CA ALA A 62 -0.24 -2.14 -4.58
C ALA A 62 -0.67 -2.31 -6.04
N SER A 63 -0.03 -1.56 -6.93
CA SER A 63 -0.29 -1.71 -8.36
C SER A 63 -0.09 -3.12 -8.87
N TYR A 64 1.04 -3.70 -8.50
CA TYR A 64 1.37 -5.06 -8.91
C TYR A 64 0.47 -6.10 -8.27
N LEU A 65 0.00 -5.82 -7.05
CA LEU A 65 -0.84 -6.79 -6.38
C LEU A 65 -2.19 -6.85 -7.09
N SER A 66 -2.73 -5.68 -7.43
CA SER A 66 -4.01 -5.59 -8.16
C SER A 66 -3.94 -6.30 -9.50
N MET A 67 -2.83 -6.16 -10.21
CA MET A 67 -2.66 -6.84 -11.51
C MET A 67 -2.60 -8.34 -11.35
N PHE A 68 -1.93 -8.78 -10.28
CA PHE A 68 -1.80 -10.20 -9.94
C PHE A 68 -3.15 -10.86 -9.65
N PHE A 69 -4.02 -10.11 -8.99
CA PHE A 69 -5.34 -10.58 -8.69
C PHE A 69 -6.25 -10.39 -9.90
N GLY A 70 -5.71 -9.94 -11.02
CA GLY A 70 -6.48 -9.82 -12.24
C GLY A 70 -7.27 -8.53 -12.37
N PHE A 71 -7.13 -7.62 -11.41
CA PHE A 71 -7.76 -6.30 -11.53
C PHE A 71 -6.86 -5.46 -12.40
N GLY A 72 -7.36 -4.37 -12.97
CA GLY A 72 -6.50 -3.52 -13.78
C GLY A 72 -6.02 -4.11 -15.10
N LEU A 73 -6.54 -5.30 -15.44
CA LEU A 73 -6.45 -5.87 -16.78
C LEU A 73 -7.63 -5.30 -17.59
N THR A 74 -7.57 -5.35 -18.91
CA THR A 74 -8.68 -4.94 -19.78
C THR A 74 -8.36 -5.38 -21.22
N GLU A 75 -9.37 -5.89 -21.93
CA GLU A 75 -9.19 -6.34 -23.30
C GLU A 75 -9.57 -5.19 -24.22
N VAL A 76 -8.87 -5.06 -25.35
CA VAL A 76 -9.10 -3.97 -26.32
C VAL A 76 -9.07 -4.50 -27.75
N SER A 77 -10.24 -4.64 -28.36
CA SER A 77 -10.32 -5.13 -29.74
C SER A 77 -9.93 -4.03 -30.70
N LEU A 78 -8.86 -4.27 -31.44
CA LEU A 78 -8.32 -3.27 -32.40
C LEU A 78 -9.14 -3.29 -33.69
N ALA A 79 -9.19 -2.15 -34.38
CA ALA A 79 -9.85 -2.03 -35.70
C ALA A 79 -9.43 -3.17 -36.63
N ASN A 80 -8.13 -3.22 -36.89
CA ASN A 80 -7.38 -4.45 -37.24
C ASN A 80 -8.15 -5.79 -37.14
N GLY A 81 -8.77 -6.06 -35.98
CA GLY A 81 -9.39 -7.36 -35.71
C GLY A 81 -8.78 -8.00 -34.46
N ARG A 82 -7.48 -7.80 -34.27
CA ARG A 82 -6.74 -8.35 -33.13
C ARG A 82 -7.30 -7.84 -31.84
N VAL A 83 -7.19 -8.62 -30.77
CA VAL A 83 -7.50 -8.08 -29.44
C VAL A 83 -6.32 -8.22 -28.50
N VAL A 84 -6.06 -7.13 -27.78
CA VAL A 84 -4.93 -7.01 -26.86
C VAL A 84 -5.45 -7.00 -25.43
N ASP A 85 -4.85 -7.83 -24.57
CA ASP A 85 -5.15 -7.78 -23.14
C ASP A 85 -4.17 -6.73 -22.59
N VAL A 86 -4.69 -5.60 -22.11
CA VAL A 86 -3.82 -4.49 -21.64
C VAL A 86 -3.97 -4.24 -20.14
N TYR A 87 -2.84 -4.31 -19.43
CA TYR A 87 -2.81 -4.03 -18.00
C TYR A 87 -2.78 -2.55 -17.75
N TRP A 88 -3.94 -1.97 -17.42
CA TRP A 88 -4.03 -0.53 -17.34
C TRP A 88 -3.63 0.02 -16.00
N ALA A 89 -3.70 -0.82 -14.96
CA ALA A 89 -3.22 -0.43 -13.61
C ALA A 89 -1.77 0.05 -13.69
N ARG A 90 -1.02 -0.54 -14.64
CA ARG A 90 0.37 -0.23 -14.92
C ARG A 90 0.58 1.26 -15.16
N TYR A 91 -0.35 1.91 -15.86
CA TYR A 91 -0.13 3.27 -16.29
C TYR A 91 -0.58 4.19 -15.19
N ALA A 92 -1.55 3.75 -14.40
CA ALA A 92 -1.88 4.42 -13.13
C ALA A 92 -0.70 4.32 -12.18
N ASN A 93 -0.05 3.17 -12.13
CA ASN A 93 1.18 3.02 -11.35
C ASN A 93 2.23 4.09 -11.73
N TRP A 94 2.46 4.23 -13.02
CA TRP A 94 3.50 5.09 -13.53
C TRP A 94 3.14 6.52 -13.34
N LEU A 95 1.86 6.81 -13.38
CA LEU A 95 1.42 8.18 -13.21
C LEU A 95 1.88 8.74 -11.85
N PHE A 96 1.76 7.95 -10.80
CA PHE A 96 2.08 8.40 -9.44
C PHE A 96 3.56 8.21 -9.07
N THR A 97 4.21 7.25 -9.71
CA THR A 97 5.50 6.83 -9.29
C THR A 97 6.66 7.58 -9.99
N THR A 98 6.45 7.96 -11.23
CA THR A 98 7.49 8.63 -11.98
C THR A 98 7.73 10.07 -11.53
N PRO A 99 6.65 10.82 -11.16
CA PRO A 99 6.94 12.17 -10.65
C PRO A 99 7.67 12.16 -9.30
N LEU A 100 7.57 11.05 -8.57
CA LEU A 100 8.29 10.87 -7.32
C LEU A 100 9.78 10.53 -7.53
N LEU A 101 10.13 9.69 -8.50
CA LEU A 101 11.54 9.44 -8.80
C LEU A 101 12.20 10.72 -9.32
N LEU A 102 11.42 11.55 -10.02
CA LEU A 102 11.88 12.84 -10.51
C LEU A 102 12.11 13.84 -9.35
N LEU A 103 11.15 13.86 -8.43
CA LEU A 103 11.24 14.67 -7.20
C LEU A 103 12.47 14.26 -6.43
N ASP A 104 12.61 12.95 -6.21
CA ASP A 104 13.71 12.43 -5.45
C ASP A 104 15.09 12.81 -6.04
N ILE A 105 15.31 12.51 -7.31
CA ILE A 105 16.57 12.88 -7.93
C ILE A 105 16.67 14.39 -7.94
N GLY A 106 15.54 15.08 -8.08
CA GLY A 106 15.53 16.55 -8.09
C GLY A 106 16.01 17.19 -6.81
N LEU A 107 15.41 16.81 -5.69
CA LEU A 107 15.87 17.19 -4.33
C LEU A 107 17.36 16.95 -4.11
N LEU A 108 17.80 15.76 -4.50
CA LEU A 108 19.21 15.37 -4.47
C LEU A 108 20.06 16.36 -5.24
N ALA A 109 19.59 16.77 -6.42
CA ALA A 109 20.36 17.64 -7.33
C ALA A 109 20.34 19.08 -6.86
N GLY A 110 19.41 19.40 -5.98
CA GLY A 110 19.25 20.77 -5.52
C GLY A 110 18.66 21.63 -6.62
N ALA A 111 17.75 21.05 -7.40
CA ALA A 111 17.03 21.75 -8.45
C ALA A 111 15.87 22.50 -7.85
N SER A 112 15.50 23.63 -8.42
CA SER A 112 14.41 24.42 -7.86
C SER A 112 13.07 23.75 -8.19
N GLN A 113 12.09 23.93 -7.32
CA GLN A 113 10.76 23.35 -7.50
C GLN A 113 10.13 23.75 -8.85
N ARG A 114 10.54 24.89 -9.34
CA ARG A 114 10.22 25.32 -10.68
C ARG A 114 10.74 24.33 -11.75
N ASP A 115 11.95 23.80 -11.50
CA ASP A 115 12.60 22.90 -12.44
C ASP A 115 12.12 21.47 -12.32
N ILE A 116 11.96 21.00 -11.09
CA ILE A 116 11.38 19.69 -10.88
C ILE A 116 9.98 19.68 -11.51
N GLY A 117 9.24 20.77 -11.27
CA GLY A 117 7.86 20.87 -11.69
C GLY A 117 7.71 20.90 -13.18
N ALA A 118 8.70 21.46 -13.86
CA ALA A 118 8.66 21.49 -15.32
C ALA A 118 8.94 20.11 -15.88
N LEU A 119 9.85 19.39 -15.21
CA LEU A 119 10.18 18.02 -15.58
C LEU A 119 9.07 17.00 -15.32
N VAL A 120 8.33 17.18 -14.24
CA VAL A 120 7.20 16.27 -13.99
C VAL A 120 6.02 16.64 -14.88
N GLY A 121 6.04 17.85 -15.45
CA GLY A 121 4.97 18.31 -16.35
C GLY A 121 4.99 17.51 -17.66
N ILE A 122 6.21 17.21 -18.11
CA ILE A 122 6.38 16.49 -19.37
C ILE A 122 6.36 14.99 -19.14
N ASP A 123 6.75 14.56 -17.94
CA ASP A 123 6.51 13.18 -17.52
C ASP A 123 5.01 12.76 -17.58
N ALA A 124 4.13 13.61 -17.03
CA ALA A 124 2.69 13.34 -17.02
C ALA A 124 2.11 13.20 -18.44
N PHE A 125 2.56 14.05 -19.35
CA PHE A 125 2.19 13.98 -20.74
C PHE A 125 2.64 12.65 -21.38
N MET A 126 3.90 12.30 -21.15
CA MET A 126 4.47 11.07 -21.66
C MET A 126 3.69 9.83 -21.22
N ILE A 127 3.47 9.69 -19.92
CA ILE A 127 2.71 8.55 -19.37
C ILE A 127 1.24 8.61 -19.81
N VAL A 128 0.68 9.81 -19.94
CA VAL A 128 -0.73 9.93 -20.36
C VAL A 128 -0.87 9.55 -21.81
N THR A 129 -0.10 10.17 -22.71
CA THR A 129 -0.21 9.79 -24.12
C THR A 129 0.18 8.33 -24.38
N GLY A 130 1.01 7.75 -23.50
CA GLY A 130 1.37 6.33 -23.58
C GLY A 130 0.17 5.46 -23.31
N LEU A 131 -0.62 5.91 -22.35
CA LEU A 131 -1.85 5.25 -21.98
C LEU A 131 -2.86 5.28 -23.14
N VAL A 132 -3.00 6.41 -23.81
CA VAL A 132 -3.95 6.48 -24.93
C VAL A 132 -3.49 5.60 -26.09
N ALA A 133 -2.21 5.67 -26.44
CA ALA A 133 -1.63 4.79 -27.47
C ALA A 133 -1.92 3.32 -27.17
N THR A 134 -1.94 2.95 -25.89
CA THR A 134 -2.14 1.55 -25.50
C THR A 134 -3.60 1.11 -25.69
N LEU A 135 -4.50 2.10 -25.56
CA LEU A 135 -5.91 1.86 -25.52
C LEU A 135 -6.65 2.12 -26.82
N THR A 136 -6.13 2.93 -27.74
CA THR A 136 -6.89 3.23 -28.97
C THR A 136 -7.15 1.94 -29.75
N LYS A 137 -8.21 1.96 -30.55
CA LYS A 137 -8.57 0.83 -31.41
C LYS A 137 -7.88 0.98 -32.76
N VAL A 138 -7.62 2.22 -33.15
CA VAL A 138 -7.09 2.56 -34.46
C VAL A 138 -5.60 2.42 -34.38
N VAL A 139 -5.05 1.52 -35.19
CA VAL A 139 -3.72 1.06 -34.89
C VAL A 139 -2.68 2.08 -35.30
N VAL A 140 -2.91 2.84 -36.35
CA VAL A 140 -1.95 3.91 -36.70
C VAL A 140 -1.82 4.91 -35.55
N ALA A 141 -2.94 5.26 -34.93
CA ALA A 141 -2.98 6.20 -33.81
C ALA A 141 -2.29 5.65 -32.58
N ARG A 142 -2.23 4.32 -32.49
CA ARG A 142 -1.45 3.67 -31.43
C ARG A 142 -0.01 4.09 -31.63
N TYR A 143 0.49 3.93 -32.84
CA TYR A 143 1.90 4.18 -33.14
C TYR A 143 2.19 5.68 -33.10
N ALA A 144 1.24 6.49 -33.57
CA ALA A 144 1.39 7.95 -33.51
C ALA A 144 1.52 8.49 -32.07
N PHE A 145 0.64 8.04 -31.18
CA PHE A 145 0.72 8.45 -29.78
C PHE A 145 1.90 7.83 -29.07
N TRP A 146 2.36 6.72 -29.60
CA TRP A 146 3.63 6.18 -29.14
C TRP A 146 4.75 7.11 -29.53
N THR A 147 4.76 7.59 -30.77
CA THR A 147 5.84 8.47 -31.24
C THR A 147 5.94 9.77 -30.43
N ILE A 148 4.79 10.39 -30.16
CA ILE A 148 4.81 11.65 -29.43
C ILE A 148 5.19 11.43 -27.98
N SER A 149 4.88 10.25 -27.47
CA SER A 149 5.16 9.96 -26.08
C SER A 149 6.64 9.82 -25.89
N THR A 150 7.32 9.17 -26.84
CA THR A 150 8.75 8.94 -26.69
C THR A 150 9.55 10.15 -27.09
N ILE A 151 9.00 10.97 -27.98
CA ILE A 151 9.54 12.30 -28.27
C ILE A 151 9.64 13.09 -26.96
N SER A 152 8.55 13.09 -26.19
CA SER A 152 8.49 13.86 -24.95
C SER A 152 9.32 13.22 -23.84
N MET A 153 9.57 11.92 -23.96
CA MET A 153 10.46 11.25 -23.02
C MET A 153 11.89 11.66 -23.29
N VAL A 154 12.20 12.01 -24.54
CA VAL A 154 13.54 12.46 -24.96
C VAL A 154 13.82 13.87 -24.43
N PHE A 155 12.79 14.71 -24.39
CA PHE A 155 12.93 16.05 -23.78
C PHE A 155 13.03 15.95 -22.28
N LEU A 156 12.35 14.96 -21.72
CA LEU A 156 12.49 14.61 -20.29
C LEU A 156 13.90 14.22 -20.00
N LEU A 157 14.43 13.32 -20.81
CA LEU A 157 15.80 12.89 -20.59
C LEU A 157 16.79 14.02 -20.83
N TYR A 158 16.48 14.92 -21.76
CA TYR A 158 17.39 16.06 -22.04
C TYR A 158 17.44 17.04 -20.87
N TYR A 159 16.28 17.44 -20.38
CA TYR A 159 16.21 18.40 -19.29
C TYR A 159 16.68 17.80 -17.99
N LEU A 160 16.55 16.48 -17.87
CA LEU A 160 17.16 15.75 -16.76
C LEU A 160 18.65 16.03 -16.80
N VAL A 161 19.37 15.52 -17.80
CA VAL A 161 20.83 15.67 -17.81
C VAL A 161 21.35 17.11 -17.71
N ALA A 162 20.56 18.09 -18.12
CA ALA A 162 21.03 19.44 -18.29
C ALA A 162 20.55 20.37 -17.20
N VAL A 163 19.29 20.29 -16.81
CA VAL A 163 18.76 21.22 -15.82
C VAL A 163 19.12 20.75 -14.43
N PHE A 164 18.93 19.47 -14.17
CA PHE A 164 19.36 18.86 -12.91
C PHE A 164 20.88 18.76 -12.86
N GLY A 165 21.47 18.42 -14.00
CA GLY A 165 22.91 18.39 -14.12
C GLY A 165 23.54 19.72 -13.72
N GLU A 166 22.98 20.82 -14.20
CA GLU A 166 23.52 22.16 -13.91
C GLU A 166 23.29 22.58 -12.45
N ALA A 167 22.23 22.03 -11.86
CA ALA A 167 21.90 22.31 -10.48
C ALA A 167 22.91 21.62 -9.56
N VAL A 168 23.46 20.51 -10.01
CA VAL A 168 24.31 19.69 -9.17
C VAL A 168 25.79 20.05 -9.30
N SER A 169 26.12 20.78 -10.35
CA SER A 169 27.51 21.24 -10.59
C SER A 169 28.15 22.05 -9.45
N ASP A 170 27.34 22.75 -8.67
CA ASP A 170 27.77 23.50 -7.49
C ASP A 170 28.02 22.56 -6.29
N ALA A 171 27.39 21.40 -6.31
CA ALA A 171 27.43 20.47 -5.18
C ALA A 171 28.77 19.74 -5.02
N ASP A 172 28.95 19.11 -3.85
CA ASP A 172 30.18 18.44 -3.54
C ASP A 172 30.33 17.24 -4.45
N GLU A 173 31.48 16.60 -4.38
CA GLU A 173 31.81 15.50 -5.27
C GLU A 173 30.86 14.35 -5.14
N ASP A 174 30.50 13.98 -3.91
CA ASP A 174 29.71 12.78 -3.69
C ASP A 174 28.24 12.95 -4.01
N THR A 175 27.67 14.14 -3.98
CA THR A 175 26.30 14.27 -4.46
C THR A 175 26.32 14.47 -6.00
N ARG A 176 27.46 14.86 -6.58
CA ARG A 176 27.60 14.84 -8.04
C ARG A 176 27.76 13.41 -8.56
N SER A 177 28.56 12.61 -7.87
CA SER A 177 28.72 11.19 -8.26
C SER A 177 27.48 10.32 -8.00
N THR A 178 26.74 10.64 -6.94
CA THR A 178 25.47 10.01 -6.65
C THR A 178 24.44 10.39 -7.70
N PHE A 179 24.36 11.67 -8.03
CA PHE A 179 23.45 12.12 -9.07
C PHE A 179 23.80 11.54 -10.43
N ASN A 180 25.08 11.36 -10.74
CA ASN A 180 25.39 10.72 -12.02
C ASN A 180 24.90 9.27 -12.01
N ALA A 181 25.20 8.54 -10.95
CA ALA A 181 24.77 7.17 -10.84
C ALA A 181 23.26 7.02 -11.05
N LEU A 182 22.49 8.01 -10.59
CA LEU A 182 21.03 7.97 -10.71
C LEU A 182 20.54 8.50 -12.05
N ARG A 183 21.21 9.53 -12.53
CA ARG A 183 20.96 10.04 -13.87
C ARG A 183 21.18 8.95 -14.90
N ASN A 184 22.20 8.12 -14.69
CA ASN A 184 22.53 7.05 -15.61
C ASN A 184 21.47 5.99 -15.62
N ILE A 185 21.04 5.61 -14.42
CA ILE A 185 20.01 4.59 -14.30
C ILE A 185 18.76 5.05 -15.05
N ILE A 186 18.23 6.22 -14.73
CA ILE A 186 17.08 6.72 -15.46
C ILE A 186 17.26 6.67 -17.00
N LEU A 187 18.34 7.28 -17.49
CA LEU A 187 18.66 7.25 -18.94
C LEU A 187 18.64 5.85 -19.50
N VAL A 188 19.41 4.96 -18.84
CA VAL A 188 19.58 3.61 -19.35
C VAL A 188 18.26 2.88 -19.23
N THR A 189 17.55 3.00 -18.10
CA THR A 189 16.35 2.16 -17.91
C THR A 189 15.04 2.81 -18.42
N TRP A 190 14.87 4.12 -18.34
CA TRP A 190 13.64 4.72 -18.90
C TRP A 190 13.56 4.64 -20.43
N ALA A 191 14.70 4.43 -21.08
CA ALA A 191 14.79 4.44 -22.53
C ALA A 191 14.32 3.13 -23.14
N ILE A 192 14.21 2.10 -22.31
CA ILE A 192 13.83 0.78 -22.74
C ILE A 192 12.32 0.61 -22.66
N TYR A 193 11.66 1.32 -21.75
CA TYR A 193 10.21 1.23 -21.65
C TYR A 193 9.46 1.33 -22.98
N PRO A 194 9.68 2.42 -23.74
CA PRO A 194 8.98 2.45 -25.02
C PRO A 194 9.37 1.40 -26.05
N VAL A 195 10.58 0.84 -25.98
CA VAL A 195 10.94 -0.25 -26.89
C VAL A 195 10.25 -1.54 -26.48
N ALA A 196 10.13 -1.75 -25.18
CA ALA A 196 9.34 -2.84 -24.65
C ALA A 196 7.85 -2.74 -25.11
N TRP A 197 7.25 -1.56 -25.04
CA TRP A 197 5.89 -1.33 -25.56
C TRP A 197 5.86 -1.75 -27.01
N LEU A 198 6.83 -1.31 -27.77
CA LEU A 198 6.96 -1.64 -29.19
C LEU A 198 7.01 -3.14 -29.55
N VAL A 199 7.91 -3.87 -28.92
CA VAL A 199 8.07 -5.28 -29.24
C VAL A 199 7.10 -6.12 -28.44
N GLY A 200 6.47 -5.54 -27.42
CA GLY A 200 5.44 -6.25 -26.64
C GLY A 200 4.15 -6.36 -27.43
N THR A 201 3.14 -6.97 -26.82
CA THR A 201 1.87 -7.19 -27.54
C THR A 201 1.12 -5.90 -27.83
N GLU A 202 1.50 -4.82 -27.16
CA GLU A 202 0.80 -3.56 -27.32
C GLU A 202 1.24 -2.87 -28.61
N GLY A 203 2.42 -3.27 -29.13
CA GLY A 203 2.96 -2.65 -30.34
C GLY A 203 3.02 -3.65 -31.49
N LEU A 204 4.22 -4.05 -31.84
CA LEU A 204 4.45 -4.93 -32.98
C LEU A 204 4.27 -6.38 -32.61
N ALA A 205 4.08 -6.66 -31.32
CA ALA A 205 3.84 -8.01 -30.83
C ALA A 205 4.89 -9.06 -31.29
N LEU A 206 6.16 -8.72 -31.17
CA LEU A 206 7.22 -9.73 -31.40
C LEU A 206 7.20 -10.76 -30.25
N THR A 207 7.05 -10.28 -29.03
CA THR A 207 6.74 -11.16 -27.93
C THR A 207 5.26 -11.14 -27.60
N GLY A 208 4.88 -12.05 -26.70
CA GLY A 208 3.53 -12.14 -26.24
C GLY A 208 3.35 -11.26 -25.03
N LEU A 209 2.17 -11.40 -24.41
CA LEU A 209 1.86 -10.71 -23.16
C LEU A 209 2.81 -11.17 -22.04
N TYR A 210 3.23 -12.43 -22.11
CA TYR A 210 4.06 -13.03 -21.09
C TYR A 210 5.45 -12.41 -21.06
N GLY A 211 6.03 -12.15 -22.23
CA GLY A 211 7.39 -11.66 -22.28
C GLY A 211 7.49 -10.17 -22.10
N GLU A 212 6.46 -9.43 -22.55
CA GLU A 212 6.34 -7.98 -22.37
C GLU A 212 6.16 -7.72 -20.88
N THR A 213 5.36 -8.54 -20.23
CA THR A 213 5.15 -8.37 -18.81
C THR A 213 6.48 -8.57 -18.07
N LEU A 214 7.15 -9.67 -18.33
CA LEU A 214 8.49 -9.90 -17.80
C LEU A 214 9.38 -8.65 -17.93
N LEU A 215 9.52 -8.16 -19.15
CA LEU A 215 10.25 -6.93 -19.43
C LEU A 215 9.86 -5.77 -18.52
N PHE A 216 8.58 -5.42 -18.40
CA PHE A 216 8.20 -4.27 -17.57
C PHE A 216 8.57 -4.55 -16.13
N MET A 217 8.40 -5.80 -15.71
CA MET A 217 8.64 -6.14 -14.32
C MET A 217 10.09 -5.89 -13.96
N VAL A 218 11.00 -6.35 -14.83
CA VAL A 218 12.43 -6.11 -14.60
C VAL A 218 12.79 -4.65 -14.60
N LEU A 219 12.30 -3.90 -15.59
CA LEU A 219 12.57 -2.47 -15.70
C LEU A 219 12.10 -1.73 -14.43
N ASP A 220 10.84 -1.92 -14.03
CA ASP A 220 10.27 -1.37 -12.80
C ASP A 220 11.08 -1.62 -11.54
N LEU A 221 11.53 -2.86 -11.32
CA LEU A 221 12.31 -3.16 -10.12
C LEU A 221 13.62 -2.40 -10.04
N VAL A 222 14.27 -2.15 -11.16
CA VAL A 222 15.54 -1.37 -11.09
C VAL A 222 15.27 0.14 -11.11
N ALA A 223 14.23 0.56 -11.81
CA ALA A 223 13.79 1.95 -11.76
C ALA A 223 13.35 2.25 -10.35
N LYS A 224 12.93 1.25 -9.60
CA LYS A 224 12.44 1.52 -8.25
C LYS A 224 13.29 1.01 -7.07
N VAL A 225 13.46 -0.29 -6.94
CA VAL A 225 14.27 -0.77 -5.85
C VAL A 225 15.74 -0.49 -6.15
N GLY A 226 16.21 -0.77 -7.36
CA GLY A 226 17.60 -0.46 -7.69
C GLY A 226 17.89 1.02 -7.50
N PHE A 227 17.07 1.88 -8.09
CA PHE A 227 17.20 3.34 -7.98
C PHE A 227 17.21 3.80 -6.53
N GLY A 228 16.13 3.54 -5.81
CA GLY A 228 16.02 3.97 -4.42
C GLY A 228 17.07 3.36 -3.51
N PHE A 229 17.60 2.18 -3.87
CA PHE A 229 18.68 1.56 -3.12
C PHE A 229 19.90 2.41 -3.21
N ILE A 230 20.25 2.80 -4.44
CA ILE A 230 21.41 3.65 -4.63
C ILE A 230 21.36 5.01 -3.92
N LEU A 231 20.20 5.65 -3.96
CA LEU A 231 19.94 6.95 -3.32
C LEU A 231 20.09 6.87 -1.81
N LEU A 232 19.33 5.98 -1.20
CA LEU A 232 19.28 5.86 0.26
C LEU A 232 20.62 5.45 0.83
N ARG A 233 21.30 4.55 0.12
CA ARG A 233 22.63 4.07 0.51
C ARG A 233 23.69 4.91 -0.19
N SER A 234 24.04 6.02 0.45
CA SER A 234 24.87 7.05 -0.13
C SER A 234 25.22 8.09 0.91
N ARG A 235 26.52 8.39 1.04
CA ARG A 235 27.01 9.40 1.99
C ARG A 235 26.43 10.79 1.72
N ALA A 236 25.81 10.96 0.54
CA ALA A 236 25.35 12.26 0.05
C ALA A 236 24.19 12.86 0.83
N ILE A 237 23.33 12.02 1.39
CA ILE A 237 22.04 12.49 1.90
C ILE A 237 21.99 12.74 3.43
N MET A 238 23.03 12.28 4.14
CA MET A 238 23.13 12.43 5.60
C MET A 238 23.44 13.89 5.97
N LEU B 11 11.76 7.31 15.57
CA LEU B 11 11.50 8.15 16.79
C LEU B 11 10.01 8.45 16.97
N GLY B 12 9.43 9.22 16.05
CA GLY B 12 8.10 9.78 16.24
C GLY B 12 8.17 11.05 17.09
N VAL B 13 7.35 11.09 18.14
CA VAL B 13 7.32 12.22 19.06
C VAL B 13 7.50 11.72 20.50
N GLU B 14 8.54 10.90 20.66
CA GLU B 14 8.98 10.31 21.96
C GLU B 14 9.95 9.17 21.68
N GLY B 15 9.46 8.18 20.94
CA GLY B 15 10.24 6.99 20.59
C GLY B 15 9.34 5.86 20.09
N GLU B 16 8.07 6.22 19.85
CA GLU B 16 7.00 5.30 19.45
C GLU B 16 6.96 5.12 17.95
N GLY B 17 7.94 5.66 17.24
CA GLY B 17 8.10 5.43 15.82
C GLY B 17 8.57 4.03 15.45
N ILE B 18 9.29 3.35 16.32
CA ILE B 18 9.75 2.00 15.99
C ILE B 18 8.60 1.01 15.90
N TRP B 19 7.63 1.15 16.77
CA TRP B 19 6.52 0.22 16.75
C TRP B 19 5.66 0.47 15.50
N LEU B 20 5.70 1.68 14.98
CA LEU B 20 5.01 2.02 13.75
C LEU B 20 5.71 1.40 12.57
N ALA B 21 7.03 1.55 12.57
CA ALA B 21 7.87 0.93 11.54
C ALA B 21 7.69 -0.57 11.63
N LEU B 22 7.84 -1.14 12.83
CA LEU B 22 7.76 -2.59 13.01
C LEU B 22 6.39 -3.14 12.72
N GLY B 23 5.38 -2.27 12.79
CA GLY B 23 4.02 -2.65 12.53
C GLY B 23 3.93 -2.90 11.05
N THR B 24 4.30 -1.86 10.32
CA THR B 24 4.37 -1.88 8.87
C THR B 24 5.15 -3.12 8.38
N ILE B 25 6.34 -3.34 8.91
CA ILE B 25 7.13 -4.55 8.58
C ILE B 25 6.33 -5.87 8.82
N GLY B 26 5.79 -6.05 10.01
CA GLY B 26 4.90 -7.21 10.28
C GLY B 26 3.74 -7.37 9.28
N MET B 27 3.05 -6.28 9.01
CA MET B 27 2.00 -6.22 7.99
C MET B 27 2.50 -6.59 6.58
N LEU B 28 3.70 -6.14 6.23
CA LEU B 28 4.31 -6.49 4.95
C LEU B 28 4.72 -7.95 4.88
N LEU B 29 5.39 -8.44 5.92
CA LEU B 29 5.72 -9.86 6.01
C LEU B 29 4.46 -10.69 5.92
N GLY B 30 3.44 -10.27 6.66
CA GLY B 30 2.12 -10.91 6.65
C GLY B 30 1.58 -10.98 5.25
N MET B 31 1.61 -9.87 4.55
CA MET B 31 1.13 -9.76 3.19
C MET B 31 2.00 -10.64 2.28
N LEU B 32 3.29 -10.64 2.55
CA LEU B 32 4.24 -11.39 1.75
C LEU B 32 4.05 -12.89 1.89
N TYR B 33 3.81 -13.36 3.11
CA TYR B 33 3.52 -14.76 3.31
C TYR B 33 2.22 -15.16 2.61
N PHE B 34 1.14 -14.44 2.86
CA PHE B 34 -0.15 -14.74 2.25
C PHE B 34 -0.04 -14.85 0.74
N ILE B 35 0.57 -13.84 0.12
CA ILE B 35 0.72 -13.78 -1.33
C ILE B 35 1.39 -15.02 -1.92
N ALA B 36 2.52 -15.40 -1.34
CA ALA B 36 3.30 -16.54 -1.80
C ALA B 36 2.50 -17.83 -1.71
N ASP B 37 1.73 -18.00 -0.63
CA ASP B 37 0.87 -19.18 -0.50
C ASP B 37 -0.28 -19.08 -1.50
N GLY B 38 -0.62 -17.84 -1.87
CA GLY B 38 -1.67 -17.55 -2.83
C GLY B 38 -1.28 -17.83 -4.26
N LEU B 39 -0.20 -18.56 -4.44
CA LEU B 39 0.30 -18.89 -5.79
C LEU B 39 -0.54 -19.99 -6.46
N ASP B 40 -0.66 -21.12 -5.78
CA ASP B 40 -1.36 -22.29 -6.31
C ASP B 40 -2.88 -22.25 -6.08
N VAL B 41 -3.48 -21.05 -6.11
CA VAL B 41 -4.90 -20.89 -5.84
C VAL B 41 -5.69 -20.80 -7.15
N GLN B 42 -6.40 -21.88 -7.50
CA GLN B 42 -7.12 -21.99 -8.78
C GLN B 42 -8.64 -21.88 -8.61
N ASP B 43 -9.13 -22.27 -7.43
CA ASP B 43 -10.55 -22.17 -7.06
C ASP B 43 -10.93 -20.69 -6.79
N PRO B 44 -12.02 -20.19 -7.41
CA PRO B 44 -12.37 -18.75 -7.30
C PRO B 44 -13.20 -18.30 -6.08
N ARG B 45 -13.83 -19.22 -5.36
CA ARG B 45 -14.36 -18.82 -4.05
C ARG B 45 -13.16 -18.61 -3.16
N GLN B 46 -12.11 -19.42 -3.37
CA GLN B 46 -10.91 -19.36 -2.57
C GLN B 46 -10.00 -18.23 -2.98
N LYS B 47 -10.02 -17.82 -4.25
CA LYS B 47 -9.25 -16.64 -4.65
C LYS B 47 -9.83 -15.42 -3.93
N GLU B 48 -11.16 -15.32 -3.91
CA GLU B 48 -11.84 -14.22 -3.23
C GLU B 48 -11.39 -14.03 -1.76
N PHE B 49 -11.30 -15.13 -1.03
CA PHE B 49 -10.85 -15.08 0.37
C PHE B 49 -9.45 -14.49 0.45
N TYR B 50 -8.61 -14.92 -0.49
CA TYR B 50 -7.23 -14.42 -0.55
C TYR B 50 -7.10 -12.90 -0.82
N VAL B 51 -7.90 -12.38 -1.75
CA VAL B 51 -7.83 -10.94 -2.03
C VAL B 51 -8.33 -10.11 -0.85
N ILE B 52 -9.34 -10.61 -0.14
CA ILE B 52 -9.84 -9.93 1.05
C ILE B 52 -8.81 -9.99 2.18
N THR B 53 -8.29 -11.19 2.41
CA THR B 53 -7.37 -11.41 3.53
C THR B 53 -5.98 -10.86 3.25
N ILE B 54 -5.67 -10.53 2.01
CA ILE B 54 -4.40 -9.88 1.69
C ILE B 54 -4.61 -8.37 1.72
N LEU B 55 -5.77 -7.93 1.27
CA LEU B 55 -6.14 -6.51 1.40
C LEU B 55 -6.14 -6.03 2.85
N ILE B 56 -6.43 -6.93 3.81
CA ILE B 56 -6.47 -6.51 5.21
C ILE B 56 -5.10 -6.00 5.75
N PRO B 57 -4.01 -6.80 5.67
CA PRO B 57 -2.69 -6.19 6.05
C PRO B 57 -2.13 -5.15 5.09
N ALA B 58 -2.70 -5.04 3.88
CA ALA B 58 -2.21 -4.05 2.87
C ALA B 58 -2.71 -2.64 3.19
N ILE B 59 -3.96 -2.52 3.65
CA ILE B 59 -4.50 -1.22 4.09
C ILE B 59 -3.90 -0.82 5.45
N ALA B 60 -3.64 -1.82 6.29
CA ALA B 60 -3.03 -1.59 7.59
C ALA B 60 -1.58 -1.10 7.46
N ALA B 61 -0.86 -1.64 6.47
CA ALA B 61 0.56 -1.25 6.21
C ALA B 61 0.62 0.20 5.77
N ALA B 62 -0.20 0.56 4.78
CA ALA B 62 -0.29 1.96 4.32
C ALA B 62 -0.55 2.87 5.50
N SER B 63 -1.59 2.52 6.27
CA SER B 63 -1.99 3.28 7.44
C SER B 63 -0.81 3.37 8.39
N TYR B 64 -0.20 2.24 8.69
CA TYR B 64 0.96 2.24 9.59
C TYR B 64 2.12 3.06 9.01
N LEU B 65 2.36 2.86 7.72
CA LEU B 65 3.41 3.56 7.05
C LEU B 65 3.16 5.08 7.07
N SER B 66 1.88 5.46 6.92
CA SER B 66 1.54 6.87 6.92
C SER B 66 1.81 7.48 8.29
N MET B 67 1.45 6.75 9.35
CA MET B 67 1.75 7.20 10.71
C MET B 67 3.25 7.29 10.98
N PHE B 68 4.01 6.28 10.56
CA PHE B 68 5.46 6.24 10.75
C PHE B 68 6.17 7.45 10.12
N PHE B 69 5.72 7.84 8.93
CA PHE B 69 6.24 9.04 8.25
C PHE B 69 5.91 10.29 9.02
N GLY B 70 4.88 10.24 9.86
CA GLY B 70 4.52 11.38 10.69
C GLY B 70 3.18 11.99 10.34
N PHE B 71 2.55 11.50 9.28
CA PHE B 71 1.19 11.92 8.97
C PHE B 71 0.23 11.17 9.91
N GLY B 72 -1.06 11.49 9.83
CA GLY B 72 -2.04 10.85 10.70
C GLY B 72 -2.02 11.20 12.19
N LEU B 73 -1.20 12.18 12.57
CA LEU B 73 -1.04 12.54 13.97
C LEU B 73 -1.52 13.96 14.13
N THR B 74 -2.31 14.21 15.17
CA THR B 74 -2.63 15.57 15.57
C THR B 74 -2.52 15.73 17.07
N GLU B 75 -2.50 16.98 17.50
CA GLU B 75 -2.30 17.33 18.90
C GLU B 75 -3.61 17.88 19.46
N VAL B 76 -4.33 17.05 20.21
CA VAL B 76 -5.63 17.46 20.75
C VAL B 76 -5.40 18.12 22.10
N SER B 77 -5.90 19.35 22.21
CA SER B 77 -5.77 20.09 23.46
C SER B 77 -7.05 19.98 24.26
N LEU B 78 -6.95 19.39 25.46
CA LEU B 78 -8.13 19.14 26.29
C LEU B 78 -8.56 20.38 27.06
N ALA B 79 -9.83 20.46 27.38
CA ALA B 79 -10.30 21.50 28.27
C ALA B 79 -9.66 21.21 29.65
N ASN B 80 -9.38 19.93 29.89
CA ASN B 80 -8.52 19.44 30.99
C ASN B 80 -7.37 20.40 31.31
N GLY B 81 -6.71 20.91 30.26
CA GLY B 81 -5.49 21.66 30.41
C GLY B 81 -4.34 20.82 29.89
N ARG B 82 -4.61 19.53 29.68
CA ARG B 82 -3.60 18.60 29.17
C ARG B 82 -3.70 18.42 27.66
N VAL B 83 -2.56 18.09 27.06
CA VAL B 83 -2.46 17.90 25.62
C VAL B 83 -2.36 16.43 25.24
N VAL B 84 -3.07 16.09 24.17
CA VAL B 84 -3.11 14.71 23.70
C VAL B 84 -2.72 14.69 22.24
N ASP B 85 -1.54 14.10 22.02
CA ASP B 85 -1.09 13.71 20.70
C ASP B 85 -1.73 12.37 20.37
N VAL B 86 -2.63 12.40 19.41
CA VAL B 86 -3.41 11.23 18.99
C VAL B 86 -3.05 10.84 17.54
N TYR B 87 -2.99 9.53 17.28
CA TYR B 87 -2.75 8.99 15.94
C TYR B 87 -4.08 8.62 15.28
N TRP B 88 -4.84 9.62 14.85
CA TRP B 88 -6.20 9.41 14.34
C TRP B 88 -6.23 8.49 13.12
N ALA B 89 -5.10 8.36 12.42
CA ALA B 89 -5.02 7.48 11.26
C ALA B 89 -5.46 6.06 11.64
N ARG B 90 -5.19 5.66 12.88
CA ARG B 90 -5.55 4.33 13.36
C ARG B 90 -7.02 4.06 13.20
N TYR B 91 -7.83 5.11 13.33
CA TYR B 91 -9.29 4.99 13.25
C TYR B 91 -9.68 4.96 11.80
N ALA B 92 -8.97 5.74 10.98
CA ALA B 92 -9.08 5.62 9.53
C ALA B 92 -8.76 4.21 9.07
N ASN B 93 -7.70 3.65 9.63
CA ASN B 93 -7.32 2.26 9.42
C ASN B 93 -8.52 1.35 9.68
N TRP B 94 -8.80 1.13 10.96
CA TRP B 94 -9.82 0.17 11.39
C TRP B 94 -11.19 0.38 10.71
N LEU B 95 -11.44 1.54 10.13
CA LEU B 95 -12.71 1.80 9.46
C LEU B 95 -12.85 0.98 8.17
N PHE B 96 -11.71 0.67 7.54
CA PHE B 96 -11.69 0.00 6.26
C PHE B 96 -11.37 -1.46 6.43
N THR B 97 -10.63 -1.79 7.48
CA THR B 97 -10.17 -3.16 7.64
C THR B 97 -11.19 -4.00 8.39
N THR B 98 -11.76 -3.46 9.46
CA THR B 98 -12.72 -4.22 10.26
C THR B 98 -13.94 -4.74 9.46
N PRO B 99 -14.55 -3.92 8.59
CA PRO B 99 -15.59 -4.49 7.73
C PRO B 99 -15.10 -5.58 6.76
N LEU B 100 -13.83 -5.52 6.38
CA LEU B 100 -13.19 -6.58 5.57
C LEU B 100 -13.07 -7.89 6.37
N LEU B 101 -12.75 -7.78 7.66
CA LEU B 101 -12.57 -8.94 8.52
C LEU B 101 -13.91 -9.62 8.83
N LEU B 102 -14.93 -8.80 9.10
CA LEU B 102 -16.30 -9.31 9.24
C LEU B 102 -16.75 -10.01 7.96
N LEU B 103 -16.39 -9.42 6.81
CA LEU B 103 -16.73 -10.01 5.51
C LEU B 103 -16.10 -11.41 5.30
N ASP B 104 -14.80 -11.57 5.54
CA ASP B 104 -14.18 -12.90 5.61
C ASP B 104 -14.96 -13.84 6.52
N ILE B 105 -15.04 -13.50 7.82
CA ILE B 105 -15.68 -14.42 8.78
C ILE B 105 -17.16 -14.62 8.48
N GLY B 106 -17.81 -13.63 7.92
CA GLY B 106 -19.17 -13.81 7.44
C GLY B 106 -19.25 -14.80 6.30
N LEU B 107 -18.49 -14.57 5.23
CA LEU B 107 -18.49 -15.44 4.05
C LEU B 107 -18.08 -16.87 4.36
N LEU B 108 -17.13 -17.03 5.28
CA LEU B 108 -16.70 -18.35 5.73
C LEU B 108 -17.85 -18.99 6.51
N ALA B 109 -18.47 -18.20 7.39
CA ALA B 109 -19.70 -18.60 8.09
C ALA B 109 -20.83 -18.94 7.12
N GLY B 110 -20.85 -18.30 5.95
CA GLY B 110 -21.89 -18.60 5.00
C GLY B 110 -23.18 -17.88 5.39
N ALA B 111 -23.01 -16.62 5.78
CA ALA B 111 -24.13 -15.80 6.20
C ALA B 111 -24.73 -15.04 5.01
N SER B 112 -25.87 -14.38 5.24
CA SER B 112 -26.53 -13.64 4.17
C SER B 112 -25.81 -12.33 4.06
N GLN B 113 -26.03 -11.59 2.98
CA GLN B 113 -25.31 -10.35 2.83
C GLN B 113 -25.89 -9.29 3.74
N ARG B 114 -27.19 -9.35 4.02
CA ARG B 114 -27.79 -8.39 4.97
C ARG B 114 -27.25 -8.58 6.40
N ASP B 115 -26.99 -9.82 6.80
CA ASP B 115 -26.39 -10.14 8.11
C ASP B 115 -24.99 -9.47 8.26
N ILE B 116 -24.08 -9.86 7.37
CA ILE B 116 -22.76 -9.27 7.31
C ILE B 116 -22.87 -7.75 7.27
N GLY B 117 -23.85 -7.23 6.54
CA GLY B 117 -24.07 -5.81 6.37
C GLY B 117 -24.53 -5.17 7.68
N ALA B 118 -25.44 -5.83 8.38
CA ALA B 118 -25.91 -5.34 9.68
C ALA B 118 -24.75 -5.03 10.66
N LEU B 119 -23.82 -5.97 10.75
CA LEU B 119 -22.67 -5.87 11.60
C LEU B 119 -21.70 -4.79 11.19
N VAL B 120 -21.54 -4.54 9.88
CA VAL B 120 -20.65 -3.43 9.51
C VAL B 120 -21.34 -2.06 9.82
N GLY B 121 -22.67 -2.06 9.91
CA GLY B 121 -23.35 -0.92 10.50
C GLY B 121 -22.83 -0.64 11.91
N ILE B 122 -22.92 -1.64 12.79
CA ILE B 122 -22.55 -1.47 14.19
C ILE B 122 -21.05 -1.22 14.29
N ASP B 123 -20.27 -1.93 13.47
CA ASP B 123 -18.80 -1.75 13.42
C ASP B 123 -18.40 -0.34 12.98
N ALA B 124 -19.12 0.22 12.02
CA ALA B 124 -18.86 1.60 11.60
C ALA B 124 -19.17 2.52 12.78
N PHE B 125 -20.33 2.31 13.40
CA PHE B 125 -20.74 3.12 14.54
C PHE B 125 -19.72 3.04 15.70
N MET B 126 -19.16 1.87 15.90
CA MET B 126 -18.22 1.65 16.96
C MET B 126 -16.96 2.43 16.71
N ILE B 127 -16.49 2.41 15.48
CA ILE B 127 -15.23 3.10 15.14
C ILE B 127 -15.41 4.60 15.08
N VAL B 128 -16.53 5.06 14.52
CA VAL B 128 -16.80 6.50 14.46
C VAL B 128 -16.90 7.13 15.86
N THR B 129 -17.49 6.44 16.84
CA THR B 129 -17.65 7.02 18.19
C THR B 129 -16.39 6.95 19.02
N GLY B 130 -15.45 6.09 18.60
CA GLY B 130 -14.15 6.04 19.25
C GLY B 130 -13.26 7.15 18.76
N LEU B 131 -13.57 7.64 17.55
CA LEU B 131 -12.85 8.74 16.92
C LEU B 131 -13.30 10.07 17.52
N VAL B 132 -14.60 10.28 17.73
CA VAL B 132 -15.04 11.51 18.40
C VAL B 132 -14.64 11.50 19.88
N ALA B 133 -14.64 10.32 20.48
CA ALA B 133 -14.24 10.21 21.87
C ALA B 133 -12.81 10.68 22.08
N THR B 134 -11.92 10.49 21.09
CA THR B 134 -10.54 11.01 21.15
C THR B 134 -10.36 12.38 20.56
N LEU B 135 -11.40 12.95 19.98
CA LEU B 135 -11.25 14.27 19.39
C LEU B 135 -11.92 15.38 20.21
N THR B 136 -12.98 15.05 20.95
CA THR B 136 -13.57 15.98 21.91
C THR B 136 -12.55 16.27 22.99
N LYS B 137 -12.64 17.47 23.55
CA LYS B 137 -11.63 17.97 24.49
C LYS B 137 -12.12 17.88 25.91
N VAL B 138 -13.43 17.84 26.07
CA VAL B 138 -14.05 17.75 27.38
C VAL B 138 -13.99 16.33 27.90
N VAL B 139 -13.35 16.13 29.05
CA VAL B 139 -13.06 14.79 29.58
C VAL B 139 -14.29 13.95 29.98
N VAL B 140 -15.34 14.59 30.44
CA VAL B 140 -16.57 13.87 30.76
C VAL B 140 -17.16 13.29 29.47
N ALA B 141 -17.14 14.09 28.42
CA ALA B 141 -17.70 13.68 27.14
C ALA B 141 -16.81 12.66 26.40
N ARG B 142 -15.53 12.64 26.74
CA ARG B 142 -14.61 11.69 26.11
C ARG B 142 -14.86 10.27 26.58
N TYR B 143 -15.08 10.11 27.88
CA TYR B 143 -15.28 8.80 28.45
C TYR B 143 -16.69 8.26 28.16
N ALA B 144 -17.62 9.16 27.84
CA ALA B 144 -19.01 8.80 27.55
C ALA B 144 -19.14 8.30 26.11
N PHE B 145 -18.45 8.93 25.17
CA PHE B 145 -18.39 8.40 23.82
C PHE B 145 -17.59 7.06 23.77
N TRP B 146 -16.50 6.97 24.52
CA TRP B 146 -15.78 5.71 24.66
C TRP B 146 -16.69 4.58 25.19
N THR B 147 -17.59 4.91 26.14
CA THR B 147 -18.49 3.91 26.71
C THR B 147 -19.56 3.51 25.72
N ILE B 148 -20.18 4.46 25.02
CA ILE B 148 -21.27 4.08 24.10
C ILE B 148 -20.69 3.33 22.93
N SER B 149 -19.40 3.58 22.67
CA SER B 149 -18.68 2.91 21.60
C SER B 149 -18.41 1.46 21.97
N THR B 150 -17.93 1.21 23.19
CA THR B 150 -17.65 -0.16 23.62
C THR B 150 -18.92 -1.02 23.75
N ILE B 151 -19.97 -0.49 24.36
CA ILE B 151 -21.23 -1.20 24.44
C ILE B 151 -21.69 -1.60 23.02
N SER B 152 -21.77 -0.59 22.14
CA SER B 152 -21.93 -0.77 20.71
C SER B 152 -21.06 -1.92 20.16
N MET B 153 -19.79 -1.97 20.60
CA MET B 153 -18.88 -3.03 20.20
C MET B 153 -19.34 -4.42 20.67
N VAL B 154 -19.90 -4.47 21.87
CA VAL B 154 -20.33 -5.73 22.47
C VAL B 154 -21.59 -6.29 21.81
N PHE B 155 -22.43 -5.40 21.29
CA PHE B 155 -23.55 -5.77 20.39
C PHE B 155 -23.03 -6.46 19.14
N LEU B 156 -21.99 -5.86 18.56
CA LEU B 156 -21.31 -6.39 17.38
C LEU B 156 -20.75 -7.75 17.69
N LEU B 157 -19.97 -7.84 18.77
CA LEU B 157 -19.46 -9.14 19.24
C LEU B 157 -20.59 -10.13 19.45
N TYR B 158 -21.70 -9.65 20.04
CA TYR B 158 -22.89 -10.49 20.35
C TYR B 158 -23.53 -11.07 19.10
N TYR B 159 -23.83 -10.20 18.14
CA TYR B 159 -24.44 -10.62 16.88
C TYR B 159 -23.51 -11.41 15.99
N LEU B 160 -22.23 -11.18 16.12
CA LEU B 160 -21.26 -11.98 15.37
C LEU B 160 -21.34 -13.47 15.79
N VAL B 161 -21.35 -13.80 17.08
CA VAL B 161 -21.45 -15.21 17.47
C VAL B 161 -22.89 -15.79 17.31
N ALA B 162 -23.90 -14.95 17.57
CA ALA B 162 -25.29 -15.38 17.43
C ALA B 162 -25.67 -15.71 15.99
N VAL B 163 -25.61 -14.72 15.10
CA VAL B 163 -26.01 -14.86 13.71
C VAL B 163 -25.02 -15.67 12.86
N PHE B 164 -23.77 -15.24 12.81
CA PHE B 164 -22.79 -16.02 12.04
C PHE B 164 -22.72 -17.41 12.56
N GLY B 165 -22.61 -17.53 13.88
CA GLY B 165 -22.49 -18.81 14.57
C GLY B 165 -23.56 -19.81 14.22
N GLU B 166 -24.78 -19.34 14.02
CA GLU B 166 -25.90 -20.17 13.60
C GLU B 166 -25.80 -20.55 12.13
N ALA B 167 -25.32 -19.63 11.30
CA ALA B 167 -25.14 -19.88 9.87
C ALA B 167 -24.25 -21.07 9.60
N VAL B 168 -23.43 -21.41 10.57
CA VAL B 168 -22.32 -22.28 10.33
C VAL B 168 -22.56 -23.71 10.85
N SER B 169 -23.67 -23.97 11.54
CA SER B 169 -23.97 -25.34 11.99
C SER B 169 -24.28 -26.30 10.80
N ASP B 170 -25.07 -25.82 9.83
N ASP B 170 -25.03 -25.81 9.82
CA ASP B 170 -25.25 -26.44 8.50
CA ASP B 170 -25.23 -26.54 8.57
C ASP B 170 -23.91 -26.97 8.00
C ASP B 170 -23.89 -26.99 7.97
N ALA B 171 -22.83 -26.20 8.20
CA ALA B 171 -21.50 -26.49 7.64
C ALA B 171 -20.87 -27.78 8.20
N ASP B 172 -19.61 -28.00 7.83
CA ASP B 172 -18.82 -29.15 8.24
C ASP B 172 -17.75 -28.85 9.32
N GLU B 173 -17.13 -29.91 9.83
CA GLU B 173 -16.21 -29.82 10.97
C GLU B 173 -14.86 -29.19 10.58
N ASP B 174 -14.86 -28.41 9.49
CA ASP B 174 -13.67 -27.77 8.93
C ASP B 174 -13.94 -26.29 8.84
N THR B 175 -15.06 -25.93 8.25
CA THR B 175 -15.47 -24.51 8.22
C THR B 175 -16.02 -24.08 9.60
N ARG B 176 -16.50 -25.05 10.38
CA ARG B 176 -16.95 -24.77 11.74
C ARG B 176 -15.80 -24.59 12.69
N SER B 177 -14.80 -25.45 12.60
CA SER B 177 -13.57 -25.34 13.39
C SER B 177 -12.88 -24.02 13.10
N THR B 178 -12.65 -23.73 11.82
CA THR B 178 -12.08 -22.43 11.40
C THR B 178 -12.94 -21.25 11.93
N PHE B 179 -14.26 -21.26 11.68
CA PHE B 179 -15.12 -20.22 12.25
C PHE B 179 -14.91 -20.09 13.73
N ASN B 180 -14.86 -21.22 14.43
CA ASN B 180 -14.65 -21.21 15.88
C ASN B 180 -13.37 -20.51 16.35
N ALA B 181 -12.25 -20.75 15.68
CA ALA B 181 -10.95 -20.15 16.07
C ALA B 181 -10.97 -18.70 15.70
N LEU B 182 -11.46 -18.41 14.50
CA LEU B 182 -11.57 -17.02 14.01
C LEU B 182 -12.38 -16.14 14.90
N ARG B 183 -13.54 -16.62 15.35
CA ARG B 183 -14.39 -15.81 16.25
C ARG B 183 -13.77 -15.75 17.65
N ASN B 184 -13.21 -16.87 18.08
CA ASN B 184 -12.44 -16.85 19.31
C ASN B 184 -11.32 -15.80 19.30
N ILE B 185 -10.53 -15.79 18.23
CA ILE B 185 -9.53 -14.74 17.99
C ILE B 185 -10.17 -13.36 18.07
N ILE B 186 -11.31 -13.17 17.40
CA ILE B 186 -11.96 -11.86 17.39
C ILE B 186 -12.44 -11.50 18.80
N LEU B 187 -13.04 -12.48 19.46
CA LEU B 187 -13.54 -12.28 20.81
C LEU B 187 -12.47 -11.81 21.80
N VAL B 188 -11.23 -12.24 21.58
CA VAL B 188 -10.15 -11.98 22.53
C VAL B 188 -9.46 -10.67 22.23
N THR B 189 -8.97 -10.52 21.02
CA THR B 189 -8.18 -9.36 20.71
C THR B 189 -9.02 -8.11 20.54
N TRP B 190 -10.18 -8.23 19.92
CA TRP B 190 -11.04 -7.05 19.77
C TRP B 190 -11.39 -6.54 21.12
N ALA B 191 -11.81 -7.42 22.03
CA ALA B 191 -12.04 -7.08 23.45
C ALA B 191 -10.96 -6.19 24.06
N ILE B 192 -9.70 -6.42 23.75
CA ILE B 192 -8.63 -5.67 24.39
C ILE B 192 -8.45 -4.25 23.84
N TYR B 193 -8.94 -3.98 22.64
CA TYR B 193 -8.83 -2.62 22.08
C TYR B 193 -9.35 -1.53 23.01
N PRO B 194 -10.60 -1.60 23.44
CA PRO B 194 -11.06 -0.51 24.29
C PRO B 194 -10.34 -0.39 25.65
N VAL B 195 -9.78 -1.48 26.18
CA VAL B 195 -9.03 -1.34 27.43
C VAL B 195 -7.68 -0.70 27.12
N ALA B 196 -7.17 -0.95 25.91
CA ALA B 196 -5.91 -0.35 25.47
C ALA B 196 -6.06 1.16 25.45
N TRP B 197 -7.18 1.61 24.91
CA TRP B 197 -7.49 3.04 24.80
C TRP B 197 -7.66 3.68 26.18
N LEU B 198 -8.18 2.91 27.11
CA LEU B 198 -8.37 3.36 28.49
C LEU B 198 -7.03 3.54 29.20
N VAL B 199 -6.20 2.49 29.19
CA VAL B 199 -4.94 2.54 29.94
C VAL B 199 -3.89 3.25 29.12
N GLY B 200 -4.31 3.90 28.05
CA GLY B 200 -3.42 4.68 27.20
C GLY B 200 -3.64 6.16 27.42
N THR B 201 -2.88 6.97 26.67
CA THR B 201 -2.86 8.43 26.83
C THR B 201 -4.18 9.09 26.47
N GLU B 202 -4.98 8.47 25.60
CA GLU B 202 -6.26 9.05 25.27
C GLU B 202 -7.23 8.96 26.47
N GLY B 203 -6.96 7.99 27.36
CA GLY B 203 -7.76 7.76 28.54
C GLY B 203 -7.04 8.11 29.84
N LEU B 204 -6.78 7.07 30.63
CA LEU B 204 -6.23 7.19 31.96
C LEU B 204 -4.76 7.56 31.97
N ALA B 205 -4.07 7.24 30.88
CA ALA B 205 -2.65 7.50 30.71
C ALA B 205 -1.88 6.70 31.73
N LEU B 206 -2.11 5.40 31.70
CA LEU B 206 -1.38 4.46 32.52
C LEU B 206 -0.07 4.02 31.84
N THR B 207 0.11 4.41 30.59
CA THR B 207 1.35 4.20 29.86
C THR B 207 1.59 5.40 28.95
N GLY B 208 2.80 5.51 28.42
CA GLY B 208 3.13 6.59 27.52
C GLY B 208 2.49 6.35 26.18
N LEU B 209 2.55 7.37 25.33
CA LEU B 209 2.20 7.20 23.91
C LEU B 209 3.02 6.03 23.32
N TYR B 210 4.27 5.90 23.78
CA TYR B 210 5.16 4.78 23.41
C TYR B 210 4.51 3.45 23.70
N GLY B 211 4.01 3.29 24.91
CA GLY B 211 3.46 2.01 25.36
C GLY B 211 2.16 1.65 24.67
N GLU B 212 1.26 2.63 24.51
CA GLU B 212 -0.04 2.37 23.88
C GLU B 212 0.13 2.03 22.41
N THR B 213 1.24 2.44 21.84
CA THR B 213 1.56 2.17 20.45
C THR B 213 2.06 0.73 20.31
N LEU B 214 2.93 0.28 21.21
CA LEU B 214 3.35 -1.12 21.24
C LEU B 214 2.14 -2.05 21.41
N LEU B 215 1.12 -1.59 22.15
CA LEU B 215 -0.07 -2.40 22.45
C LEU B 215 -0.96 -2.55 21.23
N PHE B 216 -1.27 -1.43 20.56
CA PHE B 216 -2.09 -1.50 19.37
C PHE B 216 -1.37 -2.28 18.26
N MET B 217 -0.06 -2.06 18.15
CA MET B 217 0.74 -2.70 17.12
C MET B 217 0.66 -4.21 17.22
N VAL B 218 0.81 -4.70 18.45
CA VAL B 218 0.72 -6.14 18.74
C VAL B 218 -0.74 -6.58 18.59
N LEU B 219 -1.67 -5.67 18.85
CA LEU B 219 -3.08 -5.99 18.68
C LEU B 219 -3.42 -6.07 17.21
N ASP B 220 -3.01 -5.07 16.43
CA ASP B 220 -3.32 -5.03 15.00
C ASP B 220 -2.68 -6.21 14.25
N LEU B 221 -1.47 -6.61 14.66
CA LEU B 221 -0.79 -7.75 14.03
C LEU B 221 -1.54 -9.06 14.17
N VAL B 222 -1.99 -9.39 15.38
CA VAL B 222 -2.76 -10.60 15.64
C VAL B 222 -4.08 -10.59 14.91
N ALA B 223 -4.81 -9.49 15.09
CA ALA B 223 -6.15 -9.34 14.50
C ALA B 223 -6.14 -9.32 12.97
N LYS B 224 -4.95 -9.24 12.36
CA LYS B 224 -4.87 -9.23 10.90
C LYS B 224 -4.01 -10.35 10.34
N VAL B 225 -2.81 -10.54 10.88
CA VAL B 225 -1.92 -11.57 10.37
C VAL B 225 -2.13 -12.95 11.05
N GLY B 226 -2.39 -12.98 12.35
CA GLY B 226 -2.82 -14.22 13.00
C GLY B 226 -4.14 -14.77 12.43
N PHE B 227 -5.15 -13.90 12.37
CA PHE B 227 -6.47 -14.19 11.81
C PHE B 227 -6.36 -14.61 10.36
N GLY B 228 -5.68 -13.78 9.57
CA GLY B 228 -5.44 -14.06 8.17
C GLY B 228 -4.75 -15.41 8.03
N PHE B 229 -3.75 -15.67 8.88
CA PHE B 229 -2.98 -16.91 8.81
C PHE B 229 -3.83 -18.16 9.08
N ILE B 230 -4.74 -18.06 10.05
CA ILE B 230 -5.63 -19.16 10.38
C ILE B 230 -6.60 -19.48 9.23
N LEU B 231 -7.23 -18.43 8.68
CA LEU B 231 -8.23 -18.58 7.62
C LEU B 231 -7.61 -19.11 6.36
N LEU B 232 -6.51 -18.50 5.93
CA LEU B 232 -5.93 -18.83 4.64
C LEU B 232 -5.33 -20.21 4.59
N ARG B 233 -4.73 -20.65 5.68
CA ARG B 233 -4.10 -21.96 5.77
C ARG B 233 -5.03 -22.94 6.43
N SER B 234 -6.18 -23.19 5.79
CA SER B 234 -7.23 -24.07 6.33
C SER B 234 -7.99 -24.62 5.13
N ARG B 235 -8.49 -25.85 5.21
CA ARG B 235 -9.13 -26.42 4.05
C ARG B 235 -10.37 -25.57 3.76
N ALA B 236 -11.41 -25.76 4.57
CA ALA B 236 -12.58 -24.89 4.59
C ALA B 236 -12.98 -24.34 3.23
C1 RET C . 5.34 4.16 -22.51
C2 RET C . 4.74 3.86 -23.93
C3 RET C . 5.53 4.41 -25.11
C4 RET C . 5.91 5.82 -24.74
C5 RET C . 6.90 5.75 -23.63
C6 RET C . 6.61 5.03 -22.55
C7 RET C . 7.61 5.12 -21.44
C8 RET C . 7.28 5.05 -20.18
C9 RET C . 8.25 5.16 -19.07
C10 RET C . 7.84 4.70 -17.91
C11 RET C . 8.71 4.62 -16.76
C12 RET C . 8.16 4.00 -15.74
C13 RET C . 8.83 3.74 -14.47
C14 RET C . 8.15 3.06 -13.55
C15 RET C . 8.75 2.80 -12.25
C16 RET C . 4.28 4.58 -21.47
C17 RET C . 5.83 2.78 -22.12
C18 RET C . 8.14 6.59 -23.77
C19 RET C . 9.69 5.58 -19.22
C20 RET C . 10.20 4.32 -14.25
C2 MPG D . 29.26 5.79 -12.74
C3 MPG D . 28.05 5.08 -12.11
C4 MPG D . 26.99 4.91 -13.18
C5 MPG D . 26.12 3.72 -12.91
C6 MPG D . 25.40 3.40 -14.20
C7 MPG D . 24.08 2.71 -13.92
C8 MPG D . 23.99 1.44 -14.76
C9 MPG D . 22.76 1.52 -15.61
C10 MPG D . 21.86 0.54 -15.66
C11 MPG D . 21.96 -0.76 -14.86
C12 MPG D . 20.76 -1.62 -15.27
C13 MPG D . 20.66 -1.85 -16.79
C14 MPG D . 19.21 -1.80 -17.30
C15 MPG D . 18.50 -3.14 -17.10
C16 MPG D . 17.52 -3.48 -18.21
C17 MPG D . 17.48 -4.98 -18.51
C18 MPG D . 16.57 -5.26 -19.70
O1 MPG D . 29.08 7.03 -10.69
C1 MPG D . 29.44 7.14 -12.06
CXD MPG D . 31.41 7.67 -9.70
O2 MPG D . 31.89 7.46 -8.34
C21 MPG D . 32.02 8.96 -10.29
O3 MPG D . 33.34 9.18 -9.79
CX3 MPG D . 29.89 7.70 -9.67
C2 MPG E . -11.38 0.14 -19.86
C3 MPG E . -10.22 0.40 -18.93
C4 MPG E . -9.44 1.64 -19.39
C5 MPG E . -9.35 2.70 -18.30
C6 MPG E . -7.91 2.88 -17.90
C7 MPG E . -7.82 3.45 -16.49
C8 MPG E . -7.11 4.79 -16.45
C9 MPG E . -5.92 4.79 -15.50
C10 MPG E . -5.50 5.94 -14.95
C11 MPG E . -6.21 7.26 -15.24
C12 MPG E . -5.35 8.46 -14.89
C13 MPG E . -5.01 9.29 -16.12
C14 MPG E . -6.24 10.05 -16.62
C15 MPG E . -5.96 10.82 -17.88
C16 MPG E . -6.67 10.15 -19.06
C17 MPG E . -5.80 10.17 -20.30
C18 MPG E . -6.44 9.39 -21.41
O1 MPG E . -12.08 -0.60 -22.03
C1 MPG E . -10.93 -0.24 -21.28
CXD MPG E . -12.85 -2.79 -23.15
O2 MPG E . -12.72 -3.36 -24.46
C21 MPG E . -14.34 -2.50 -22.82
O3 MPG E . -15.12 -3.70 -22.64
CX3 MPG E . -11.99 -1.54 -23.14
C1 RET F . -12.12 1.98 19.97
C2 RET F . -12.72 3.12 20.82
C3 RET F . -13.39 2.61 22.11
C4 RET F . -14.46 1.63 21.72
C5 RET F . -13.83 0.47 21.01
C6 RET F . -12.85 0.63 20.14
C7 RET F . -12.43 -0.60 19.44
C8 RET F . -12.15 -0.71 18.18
C9 RET F . -11.75 -2.03 17.64
C10 RET F . -10.83 -1.94 16.67
C11 RET F . -10.24 -3.14 16.07
C12 RET F . -9.55 -3.01 14.96
C13 RET F . -8.84 -4.15 14.31
C14 RET F . -7.80 -3.87 13.52
C15 RET F . -6.94 -4.89 12.86
C16 RET F . -11.86 2.48 18.52
C17 RET F . -10.83 1.57 20.66
C18 RET F . -14.44 -0.84 21.32
C19 RET F . -12.07 -3.38 18.24
C20 RET F . -9.25 -5.54 14.61
#